data_4ZAB
#
_entry.id   4ZAB
#
_cell.length_a   95.910
_cell.length_b   64.200
_cell.length_c   87.790
_cell.angle_alpha   90.00
_cell.angle_beta   90.00
_cell.angle_gamma   90.00
#
_symmetry.space_group_name_H-M   'P 21 21 2'
#
loop_
_entity.id
_entity.type
_entity.pdbx_description
1 polymer 'A niger Fdc1'
2 non-polymer '1-deoxy-5-O-phosphono-1-(3,3,4,5-tetramethyl-9,11-dioxo-2,3,8,9,10,11-hexahydro-7H-quinolino[1,8-fg]pteridin-12-ium-7-y l)-D-ribitol'
3 non-polymer 1-deoxy-5-O-phosphono-1-[(10aR)-2,2,3,4-tetramethyl-8,10-dioxo-1,2,8,9,10,10a-hexahydro-6H-indeno[1,7-ef]pyrimido[4,5-b][1,4]diazepin-6-yl]-D-ribitol
4 non-polymer 'MANGANESE (II) ION'
5 non-polymer 'POTASSIUM ION'
6 non-polymer '(2Z)-2-fluoro-3-phenylprop-2-enoic acid'
7 water water
#
_entity_poly.entity_id   1
_entity_poly.type   'polypeptide(L)'
_entity_poly.pdbx_seq_one_letter_code
;MSAQPAHLCFRSFVEALKVDNDLVEINTPIDPNLEAAAITRRVCETNDKAPLFNNLIGMKNGLFRILGAPGSLRKSSADR
YGRLARHLALPPTASMREILDKMLSASDMPPIPPTIVPTGPCKENSLDDSEFDLTELPVPLIHKSDGGKYIQTYGMHIVQ
SPDGTWTNWSIARAMVHDKNHLTGLVIPPQHIWQIHQMWKKEGRSDVPWALAFGVPPAAIMASSMPIPDGVTEAGYVGAM
TGSSLELVKCDTNDLYVPATSEIVLEGTLSISETGPEGPFGEMHGYIFPGDTHLGAKYKVNRITYRNNAIMPMSSCGRLT
DETHTMIGSLAAAEIRKLCQQNDLPITDAFAPFESQVTWVALRVDTEKLRAMKTTSEGFRKRVGDVVFNHKAGYTIHRLV
LVGDDIDVYEGKDVLWAFSTRCRPGMDETLFEDVRGFPLIPYMGHGNGPAHRGGKVVSDALMPTEYTTGRNWEAADFNQS
YPEDLKQKVLDNWTKMGFSNLEHHHHHH
;
_entity_poly.pdbx_strand_id   A
#
loop_
_chem_comp.id
_chem_comp.type
_chem_comp.name
_chem_comp.formula
4LU non-polymer '1-deoxy-5-O-phosphono-1-(3,3,4,5-tetramethyl-9,11-dioxo-2,3,8,9,10,11-hexahydro-7H-quinolino[1,8-fg]pteridin-12-ium-7-y l)-D-ribitol' 'C22 H30 N4 O9 P 1'
4LW non-polymer '(2Z)-2-fluoro-3-phenylprop-2-enoic acid' 'C9 H7 F O2'
FZZ non-polymer 1-deoxy-5-O-phosphono-1-[(10aR)-2,2,3,4-tetramethyl-8,10-dioxo-1,2,8,9,10,10a-hexahydro-6H-indeno[1,7-ef]pyrimido[4,5-b][1,4]diazepin-6-yl]-D-ribitol 'C22 H29 N4 O9 P'
K non-polymer 'POTASSIUM ION' 'K 1'
MN non-polymer 'MANGANESE (II) ION' 'Mn 2'
#
# COMPACT_ATOMS: atom_id res chain seq x y z
N GLN A 4 -3.46 -15.87 -19.09
CA GLN A 4 -3.77 -15.65 -17.62
C GLN A 4 -4.44 -14.34 -17.40
N PRO A 5 -5.43 -14.30 -16.55
CA PRO A 5 -6.03 -13.02 -16.28
C PRO A 5 -5.12 -11.98 -15.65
N ALA A 6 -5.44 -10.69 -15.89
CA ALA A 6 -4.63 -9.60 -15.41
C ALA A 6 -4.41 -9.59 -13.90
N HIS A 7 -5.41 -9.98 -13.14
CA HIS A 7 -5.25 -9.92 -11.69
C HIS A 7 -4.39 -11.06 -11.16
N LEU A 8 -4.12 -12.08 -12.00
CA LEU A 8 -3.39 -13.29 -11.64
C LEU A 8 -2.03 -13.36 -12.23
N CYS A 9 -1.65 -12.42 -13.09
CA CYS A 9 -0.42 -12.49 -13.84
C CYS A 9 0.06 -11.07 -14.18
N PHE A 10 1.24 -10.70 -13.67
CA PHE A 10 1.74 -9.33 -13.89
C PHE A 10 1.92 -9.02 -15.35
N ARG A 11 2.39 -9.97 -16.18
CA ARG A 11 2.59 -9.72 -17.60
C ARG A 11 1.25 -9.40 -18.24
N SER A 12 0.18 -10.05 -17.90
CA SER A 12 -1.16 -9.73 -18.37
C SER A 12 -1.68 -8.40 -17.86
N PHE A 13 -1.34 -8.03 -16.62
CA PHE A 13 -1.63 -6.74 -16.06
C PHE A 13 -1.05 -5.62 -16.93
N VAL A 14 0.21 -5.78 -17.31
CA VAL A 14 0.88 -4.75 -18.17
C VAL A 14 0.09 -4.61 -19.46
N GLU A 15 -0.30 -5.75 -20.07
N GLU A 15 -0.27 -5.74 -20.07
CA GLU A 15 -1.18 -5.74 -21.26
CA GLU A 15 -1.06 -5.66 -21.29
C GLU A 15 -2.44 -5.04 -20.96
C GLU A 15 -2.42 -5.05 -20.99
N ALA A 16 -3.08 -5.22 -19.86
CA ALA A 16 -4.28 -4.55 -19.55
C ALA A 16 -4.14 -3.06 -19.50
N LEU A 17 -3.07 -2.57 -18.91
CA LEU A 17 -2.80 -1.14 -18.86
C LEU A 17 -2.66 -0.59 -20.28
N LYS A 18 -1.97 -1.30 -21.15
N LYS A 18 -1.96 -1.32 -21.14
CA LYS A 18 -1.87 -0.87 -22.53
CA LYS A 18 -1.83 -0.93 -22.54
C LYS A 18 -3.26 -0.76 -23.17
C LYS A 18 -3.24 -0.79 -23.19
N VAL A 19 -4.03 -1.81 -23.03
N VAL A 19 -4.08 -1.78 -23.05
CA VAL A 19 -5.36 -1.85 -23.63
CA VAL A 19 -5.36 -1.69 -23.74
C VAL A 19 -6.18 -0.72 -23.07
C VAL A 19 -6.29 -0.70 -23.06
N ASP A 20 -6.05 -0.34 -21.83
CA ASP A 20 -6.77 0.71 -21.19
C ASP A 20 -6.31 2.12 -21.64
N ASN A 21 -5.30 2.19 -22.49
CA ASN A 21 -4.69 3.45 -22.84
C ASN A 21 -4.19 4.17 -21.58
N ASP A 22 -3.55 3.35 -20.72
CA ASP A 22 -3.05 3.79 -19.40
C ASP A 22 -1.62 3.51 -19.26
N LEU A 23 -0.86 3.39 -20.37
N LEU A 23 -0.88 3.40 -20.36
CA LEU A 23 0.54 2.95 -20.40
CA LEU A 23 0.50 3.05 -20.31
C LEU A 23 1.24 3.76 -21.44
C LEU A 23 1.28 3.66 -21.46
N VAL A 24 2.43 4.21 -21.21
CA VAL A 24 3.37 4.80 -22.23
C VAL A 24 4.58 3.91 -22.23
N GLU A 25 4.83 3.32 -23.41
CA GLU A 25 6.01 2.53 -23.64
C GLU A 25 7.16 3.41 -24.09
N ILE A 26 8.29 3.37 -23.45
N ILE A 26 8.29 3.39 -23.41
CA ILE A 26 9.44 4.16 -23.75
CA ILE A 26 9.52 4.15 -23.71
C ILE A 26 10.52 3.22 -24.22
C ILE A 26 10.56 3.21 -24.21
N ASN A 27 10.78 3.22 -25.53
CA ASN A 27 11.62 2.25 -26.16
C ASN A 27 13.03 2.76 -26.46
N THR A 28 13.30 4.02 -26.19
CA THR A 28 14.60 4.61 -26.28
C THR A 28 15.35 4.49 -24.94
N PRO A 29 16.67 4.64 -24.92
CA PRO A 29 17.40 4.36 -23.63
C PRO A 29 17.05 5.32 -22.60
N ILE A 30 16.81 4.81 -21.40
CA ILE A 30 16.49 5.55 -20.17
C ILE A 30 17.42 5.14 -19.06
N ASP A 31 18.00 6.08 -18.31
CA ASP A 31 18.96 5.77 -17.29
C ASP A 31 18.26 5.35 -16.00
N PRO A 32 18.58 4.20 -15.39
CA PRO A 32 18.07 3.88 -14.09
C PRO A 32 18.62 4.78 -13.01
N ASN A 33 19.75 5.43 -13.25
CA ASN A 33 20.24 6.46 -12.30
C ASN A 33 19.40 7.73 -12.46
N LEU A 34 18.37 7.82 -11.64
CA LEU A 34 17.44 8.91 -11.51
C LEU A 34 16.42 9.15 -12.61
N GLU A 35 16.75 8.92 -13.91
CA GLU A 35 15.85 9.33 -14.95
C GLU A 35 14.52 8.56 -14.96
N ALA A 36 14.59 7.18 -14.81
CA ALA A 36 13.38 6.40 -14.79
C ALA A 36 12.44 6.87 -13.65
N ALA A 37 13.09 7.06 -12.46
CA ALA A 37 12.32 7.45 -11.30
C ALA A 37 11.79 8.91 -11.44
N ALA A 38 12.52 9.80 -12.06
CA ALA A 38 12.07 11.18 -12.25
C ALA A 38 10.84 11.22 -13.13
N ILE A 39 10.85 10.45 -14.23
CA ILE A 39 9.71 10.36 -15.11
C ILE A 39 8.52 9.81 -14.30
N THR A 40 8.76 8.72 -13.52
CA THR A 40 7.70 8.10 -12.77
C THR A 40 7.14 9.07 -11.69
N ARG A 41 8.04 9.80 -11.04
CA ARG A 41 7.63 10.83 -10.03
C ARG A 41 6.70 11.83 -10.65
N ARG A 42 7.06 12.33 -11.83
N ARG A 42 7.04 12.32 -11.84
CA ARG A 42 6.20 13.29 -12.51
CA ARG A 42 6.17 13.28 -12.48
C ARG A 42 4.86 12.70 -12.88
C ARG A 42 4.85 12.70 -12.88
N VAL A 43 4.86 11.41 -13.35
CA VAL A 43 3.61 10.70 -13.58
C VAL A 43 2.70 10.74 -12.37
N CYS A 44 3.31 10.32 -11.21
CA CYS A 44 2.56 10.22 -9.98
C CYS A 44 2.01 11.58 -9.46
N GLU A 45 2.80 12.65 -9.72
CA GLU A 45 2.35 13.99 -9.29
C GLU A 45 1.29 14.55 -10.20
N THR A 46 1.10 13.99 -11.39
CA THR A 46 0.15 14.51 -12.38
C THR A 46 -0.93 13.52 -12.76
N ASN A 47 -0.90 12.32 -12.15
CA ASN A 47 -1.89 11.29 -12.46
C ASN A 47 -1.88 10.86 -13.97
N ASP A 48 -0.68 10.85 -14.49
CA ASP A 48 -0.51 10.45 -15.92
C ASP A 48 -0.47 8.92 -16.08
N LYS A 49 -0.32 8.48 -17.34
CA LYS A 49 -0.24 7.07 -17.67
C LYS A 49 1.01 6.41 -17.07
N ALA A 50 0.98 5.13 -16.73
CA ALA A 50 2.12 4.43 -16.22
C ALA A 50 3.20 4.31 -17.22
N PRO A 51 4.46 4.52 -16.90
CA PRO A 51 5.60 4.39 -17.83
C PRO A 51 6.17 2.97 -17.81
N LEU A 52 6.38 2.39 -19.01
CA LEU A 52 7.06 1.11 -19.16
C LEU A 52 8.33 1.39 -19.85
N PHE A 53 9.45 1.21 -19.23
CA PHE A 53 10.79 1.44 -19.64
C PHE A 53 11.34 0.16 -20.27
N ASN A 54 11.28 0.04 -21.62
CA ASN A 54 11.67 -1.14 -22.32
C ASN A 54 13.14 -1.16 -22.70
N ASN A 55 13.86 -0.10 -22.49
CA ASN A 55 15.23 0.07 -22.93
C ASN A 55 16.04 0.78 -21.82
N LEU A 56 16.32 0.06 -20.77
N LEU A 56 16.40 0.07 -20.75
CA LEU A 56 16.95 0.56 -19.60
CA LEU A 56 17.13 0.66 -19.60
C LEU A 56 18.49 0.46 -19.74
C LEU A 56 18.51 0.45 -19.71
N ILE A 57 19.25 1.51 -19.54
CA ILE A 57 20.67 1.53 -19.63
C ILE A 57 21.22 0.61 -18.56
N GLY A 58 21.97 -0.40 -18.89
CA GLY A 58 22.48 -1.37 -18.04
C GLY A 58 21.78 -2.70 -18.02
N MET A 59 20.67 -2.76 -18.83
N MET A 59 20.64 -2.81 -18.66
CA MET A 59 19.90 -4.04 -19.00
CA MET A 59 20.12 -4.14 -18.74
C MET A 59 20.80 -5.04 -19.79
C MET A 59 21.26 -5.17 -19.12
N LYS A 60 20.90 -6.30 -19.30
N LYS A 60 21.29 -6.30 -18.38
CA LYS A 60 21.78 -7.36 -19.87
CA LYS A 60 22.25 -7.37 -18.57
C LYS A 60 21.24 -8.66 -19.38
C LYS A 60 21.32 -8.69 -18.81
N ASN A 61 22.08 -9.73 -19.41
N ASN A 61 21.16 -9.29 -20.17
CA ASN A 61 21.50 -11.04 -19.07
CA ASN A 61 20.73 -10.81 -20.35
C ASN A 61 19.90 -11.01 -19.25
C ASN A 61 19.25 -10.96 -20.02
N GLY A 62 19.24 -10.03 -19.91
N GLY A 62 18.45 -9.96 -20.36
CA GLY A 62 17.72 -9.93 -20.00
CA GLY A 62 17.05 -9.96 -20.00
C GLY A 62 16.98 -9.37 -18.68
C GLY A 62 16.76 -9.27 -18.60
N LEU A 63 17.77 -8.82 -17.86
CA LEU A 63 17.44 -8.18 -16.56
C LEU A 63 17.81 -6.67 -16.68
N PHE A 64 16.80 -5.77 -16.69
CA PHE A 64 15.39 -5.95 -16.66
C PHE A 64 14.77 -4.66 -17.27
N ARG A 65 13.50 -4.71 -17.61
CA ARG A 65 12.67 -3.56 -17.96
C ARG A 65 12.07 -3.05 -16.64
N ILE A 66 11.50 -1.84 -16.61
CA ILE A 66 10.85 -1.30 -15.43
C ILE A 66 9.44 -0.84 -15.77
N LEU A 67 8.43 -1.16 -14.97
CA LEU A 67 7.13 -0.52 -14.97
C LEU A 67 7.03 0.40 -13.76
N GLY A 68 6.90 1.71 -13.98
CA GLY A 68 6.65 2.64 -12.87
C GLY A 68 5.18 2.82 -12.60
N ALA A 69 4.88 3.35 -11.37
CA ALA A 69 3.55 3.76 -11.03
C ALA A 69 2.44 2.71 -11.24
N PRO A 70 2.74 1.45 -10.82
CA PRO A 70 1.76 0.42 -11.02
C PRO A 70 0.40 0.54 -10.35
N GLY A 71 0.39 1.25 -9.18
CA GLY A 71 -0.80 1.42 -8.39
C GLY A 71 -1.20 2.83 -8.15
N SER A 72 -0.79 3.76 -9.02
CA SER A 72 -1.06 5.16 -8.90
C SER A 72 -2.38 5.53 -9.59
N LEU A 73 -2.73 6.84 -9.49
CA LEU A 73 -4.04 7.29 -9.90
C LEU A 73 -4.12 7.69 -11.40
N ARG A 74 -5.29 7.53 -11.98
CA ARG A 74 -5.55 8.04 -13.28
C ARG A 74 -6.18 9.40 -13.16
N LYS A 75 -6.11 10.19 -14.25
CA LYS A 75 -6.52 11.59 -14.22
C LYS A 75 -8.01 11.79 -14.10
N SER A 76 -8.75 11.01 -14.84
N SER A 76 -8.73 11.00 -14.85
CA SER A 76 -10.20 11.18 -14.82
CA SER A 76 -10.18 11.06 -14.90
C SER A 76 -10.80 10.75 -13.47
C SER A 76 -10.81 10.73 -13.53
N SER A 77 -11.85 11.44 -13.07
CA SER A 77 -12.61 11.04 -11.91
C SER A 77 -13.29 9.70 -12.10
N ALA A 78 -13.78 9.43 -13.29
CA ALA A 78 -14.62 8.23 -13.46
C ALA A 78 -13.82 6.95 -13.26
N ASP A 79 -12.57 6.96 -13.64
CA ASP A 79 -11.71 5.77 -13.51
C ASP A 79 -10.49 6.08 -12.70
N ARG A 80 -10.58 6.99 -11.74
CA ARG A 80 -9.48 7.41 -10.90
C ARG A 80 -8.71 6.23 -10.29
N TYR A 81 -9.40 5.20 -9.84
CA TYR A 81 -8.78 4.06 -9.19
C TYR A 81 -8.65 2.86 -10.11
N GLY A 82 -8.69 3.09 -11.42
CA GLY A 82 -8.69 2.03 -12.37
C GLY A 82 -7.49 1.09 -12.27
N ARG A 83 -6.30 1.61 -12.00
CA ARG A 83 -5.11 0.78 -11.90
C ARG A 83 -5.24 -0.21 -10.72
N LEU A 84 -5.80 0.25 -9.61
N LEU A 84 -5.81 0.24 -9.60
CA LEU A 84 -6.11 -0.64 -8.51
CA LEU A 84 -6.16 -0.68 -8.47
C LEU A 84 -7.17 -1.62 -8.89
C LEU A 84 -7.24 -1.64 -8.86
N ALA A 85 -8.25 -1.21 -9.59
CA ALA A 85 -9.27 -2.13 -10.02
C ALA A 85 -8.69 -3.24 -10.90
N ARG A 86 -7.72 -2.91 -11.73
CA ARG A 86 -7.05 -3.92 -12.56
C ARG A 86 -6.20 -4.89 -11.81
N HIS A 87 -5.87 -4.61 -10.56
CA HIS A 87 -5.21 -5.59 -9.71
C HIS A 87 -6.19 -6.67 -9.23
N LEU A 88 -7.51 -6.47 -9.38
CA LEU A 88 -8.51 -7.23 -8.65
C LEU A 88 -9.64 -7.78 -9.48
N ALA A 89 -9.59 -7.59 -10.83
CA ALA A 89 -10.63 -8.07 -11.75
C ALA A 89 -11.91 -7.23 -11.65
N LEU A 90 -11.83 -6.02 -11.01
CA LEU A 90 -12.97 -5.15 -10.92
C LEU A 90 -13.09 -4.24 -12.16
N PRO A 91 -14.28 -3.79 -12.44
CA PRO A 91 -14.39 -2.78 -13.51
C PRO A 91 -13.53 -1.56 -13.22
N PRO A 92 -13.03 -0.87 -14.27
CA PRO A 92 -12.09 0.23 -14.04
C PRO A 92 -12.75 1.47 -13.39
N THR A 93 -14.05 1.54 -13.38
CA THR A 93 -14.80 2.55 -12.72
C THR A 93 -15.13 2.23 -11.26
N ALA A 94 -14.60 1.16 -10.71
CA ALA A 94 -14.91 0.76 -9.39
C ALA A 94 -14.60 1.92 -8.40
N SER A 95 -15.44 2.05 -7.38
CA SER A 95 -15.22 3.00 -6.36
C SER A 95 -14.21 2.48 -5.33
N MET A 96 -13.66 3.40 -4.55
N MET A 96 -13.64 3.40 -4.56
CA MET A 96 -12.83 2.97 -3.44
CA MET A 96 -12.81 2.97 -3.45
C MET A 96 -13.55 2.03 -2.44
C MET A 96 -13.54 2.04 -2.44
N ARG A 97 -14.84 2.29 -2.17
CA ARG A 97 -15.59 1.40 -1.31
C ARG A 97 -15.60 0.00 -1.92
N GLU A 98 -15.83 -0.14 -3.24
CA GLU A 98 -15.84 -1.44 -3.86
C GLU A 98 -14.49 -2.11 -3.86
N ILE A 99 -13.40 -1.39 -4.02
CA ILE A 99 -12.06 -1.92 -3.97
C ILE A 99 -11.73 -2.43 -2.56
N LEU A 100 -12.04 -1.63 -1.54
CA LEU A 100 -11.78 -2.03 -0.17
C LEU A 100 -12.67 -3.19 0.24
N ASP A 101 -13.91 -3.20 -0.19
CA ASP A 101 -14.78 -4.35 0.10
C ASP A 101 -14.20 -5.62 -0.55
N LYS A 102 -13.66 -5.53 -1.74
CA LYS A 102 -13.07 -6.69 -2.36
C LYS A 102 -11.90 -7.16 -1.54
N MET A 103 -11.03 -6.23 -1.08
CA MET A 103 -9.87 -6.60 -0.26
C MET A 103 -10.27 -7.18 1.12
N LEU A 104 -11.43 -6.85 1.66
CA LEU A 104 -11.89 -7.38 2.92
C LEU A 104 -12.69 -8.67 2.78
N SER A 105 -13.15 -8.99 1.55
CA SER A 105 -14.08 -10.06 1.35
C SER A 105 -13.64 -11.43 1.86
N ALA A 106 -12.35 -11.68 1.76
CA ALA A 106 -11.77 -12.97 2.20
C ALA A 106 -11.73 -13.10 3.70
N SER A 107 -11.92 -12.04 4.46
N SER A 107 -11.91 -12.04 4.46
CA SER A 107 -11.87 -12.11 5.90
CA SER A 107 -11.79 -12.12 5.88
C SER A 107 -13.00 -12.95 6.53
C SER A 107 -12.70 -13.19 6.45
N ASP A 108 -14.10 -13.22 5.87
N ASP A 108 -13.94 -13.18 5.89
CA ASP A 108 -14.97 -14.22 6.47
CA ASP A 108 -15.11 -13.97 6.26
C ASP A 108 -15.30 -15.28 5.40
C ASP A 108 -15.16 -15.44 5.64
N MET A 109 -14.21 -15.72 4.74
CA MET A 109 -14.21 -16.88 3.90
C MET A 109 -13.15 -17.86 4.35
N PRO A 110 -13.40 -19.17 4.08
CA PRO A 110 -12.34 -20.15 4.22
C PRO A 110 -11.19 -19.80 3.29
N PRO A 111 -9.90 -19.90 3.74
CA PRO A 111 -8.79 -19.77 2.78
C PRO A 111 -8.93 -20.74 1.63
N ILE A 112 -8.36 -20.39 0.50
CA ILE A 112 -8.17 -21.33 -0.62
C ILE A 112 -6.71 -21.48 -0.79
N PRO A 113 -6.13 -22.56 -0.26
CA PRO A 113 -4.67 -22.66 -0.25
C PRO A 113 -4.11 -22.76 -1.69
N PRO A 114 -2.85 -22.43 -1.86
CA PRO A 114 -2.24 -22.45 -3.19
C PRO A 114 -2.03 -23.86 -3.69
N THR A 115 -1.87 -23.95 -5.00
CA THR A 115 -1.59 -25.16 -5.76
C THR A 115 -0.18 -25.15 -6.21
N ILE A 116 0.56 -26.29 -6.01
CA ILE A 116 1.91 -26.40 -6.39
C ILE A 116 1.95 -26.89 -7.79
N VAL A 117 2.66 -26.26 -8.68
CA VAL A 117 2.89 -26.71 -10.06
C VAL A 117 4.38 -26.88 -10.27
N PRO A 118 4.75 -27.76 -11.27
CA PRO A 118 6.18 -28.04 -11.43
C PRO A 118 7.06 -26.99 -12.01
N THR A 119 6.48 -26.06 -12.78
CA THR A 119 7.31 -25.03 -13.37
C THR A 119 6.39 -23.84 -13.74
N GLY A 120 7.02 -22.78 -14.17
CA GLY A 120 6.29 -21.58 -14.64
C GLY A 120 7.24 -20.65 -15.28
N PRO A 121 6.67 -19.53 -15.85
CA PRO A 121 7.52 -18.56 -16.50
C PRO A 121 8.72 -18.03 -15.73
N CYS A 122 8.58 -17.97 -14.39
CA CYS A 122 9.65 -17.46 -13.54
C CYS A 122 10.91 -18.31 -13.60
N LYS A 123 10.85 -19.54 -14.16
CA LYS A 123 11.97 -20.43 -14.31
C LYS A 123 12.59 -20.38 -15.69
N GLU A 124 12.19 -19.45 -16.52
CA GLU A 124 12.70 -19.37 -17.94
C GLU A 124 14.18 -19.13 -17.95
N ASN A 125 14.74 -18.40 -16.97
CA ASN A 125 16.14 -18.09 -16.95
C ASN A 125 16.60 -18.19 -15.48
N SER A 126 17.86 -18.49 -15.30
CA SER A 126 18.45 -18.49 -13.98
C SER A 126 19.89 -18.08 -13.97
N LEU A 127 20.32 -17.55 -12.77
CA LEU A 127 21.67 -17.14 -12.57
C LEU A 127 22.06 -17.64 -11.15
N ASP A 128 23.07 -18.51 -11.14
CA ASP A 128 23.62 -18.90 -9.86
C ASP A 128 24.52 -17.83 -9.29
N ASP A 129 25.03 -18.18 -8.09
N ASP A 129 25.04 -18.15 -8.09
CA ASP A 129 25.90 -17.27 -7.34
CA ASP A 129 25.96 -17.26 -7.36
C ASP A 129 27.29 -16.96 -7.92
C ASP A 129 27.21 -16.70 -8.13
N SER A 130 27.67 -17.52 -9.07
CA SER A 130 28.90 -17.22 -9.79
C SER A 130 28.55 -16.36 -11.01
N GLU A 131 27.24 -16.18 -11.29
CA GLU A 131 26.80 -15.56 -12.52
C GLU A 131 26.10 -14.25 -12.40
N PHE A 132 25.68 -13.85 -11.20
CA PHE A 132 25.07 -12.54 -11.07
C PHE A 132 25.87 -11.63 -10.17
N ASP A 133 25.69 -10.34 -10.34
CA ASP A 133 26.22 -9.31 -9.43
C ASP A 133 25.17 -8.22 -9.33
N LEU A 134 24.61 -8.04 -8.16
CA LEU A 134 23.52 -7.07 -7.99
C LEU A 134 23.92 -5.66 -8.31
N THR A 135 25.20 -5.36 -8.15
CA THR A 135 25.73 -4.06 -8.44
C THR A 135 25.89 -3.79 -9.95
N GLU A 136 25.71 -4.82 -10.75
CA GLU A 136 25.81 -4.75 -12.19
C GLU A 136 24.47 -4.70 -12.88
N LEU A 137 23.38 -4.90 -12.19
CA LEU A 137 22.09 -4.82 -12.69
C LEU A 137 21.63 -3.37 -12.80
N PRO A 138 20.56 -3.05 -13.58
CA PRO A 138 20.09 -1.64 -13.77
C PRO A 138 19.13 -1.25 -12.65
N VAL A 139 19.56 -1.45 -11.41
CA VAL A 139 18.79 -1.09 -10.28
C VAL A 139 18.68 0.43 -10.20
N PRO A 140 17.48 0.96 -9.97
CA PRO A 140 17.33 2.43 -9.98
C PRO A 140 17.83 3.12 -8.73
N LEU A 141 18.42 4.29 -8.92
CA LEU A 141 18.52 5.30 -7.91
C LEU A 141 17.23 6.11 -8.02
N ILE A 142 16.40 6.06 -7.01
CA ILE A 142 15.02 6.60 -7.08
C ILE A 142 14.92 8.08 -6.71
N HIS A 143 15.72 8.54 -5.74
CA HIS A 143 15.78 9.93 -5.30
C HIS A 143 17.24 10.26 -5.17
N LYS A 144 17.61 11.52 -5.48
N LYS A 144 17.64 11.51 -5.48
CA LYS A 144 19.01 11.87 -5.60
CA LYS A 144 19.08 11.82 -5.59
C LYS A 144 19.86 11.64 -4.33
C LYS A 144 19.87 11.57 -4.31
N SER A 145 19.23 11.78 -3.15
CA SER A 145 19.85 11.63 -1.87
C SER A 145 19.72 10.21 -1.25
N ASP A 146 19.11 9.30 -1.99
CA ASP A 146 18.95 7.93 -1.39
C ASP A 146 20.31 7.34 -1.09
N GLY A 147 20.32 6.54 -0.01
CA GLY A 147 21.56 5.89 0.47
C GLY A 147 21.90 4.65 -0.24
N GLY A 148 21.18 4.27 -1.31
CA GLY A 148 21.46 3.05 -2.08
C GLY A 148 20.48 3.00 -3.24
N LYS A 149 20.68 2.00 -4.07
N LYS A 149 20.70 1.99 -4.06
CA LYS A 149 19.83 1.75 -5.21
CA LYS A 149 19.90 1.68 -5.23
C LYS A 149 18.77 0.80 -4.77
C LYS A 149 18.77 0.78 -4.75
N TYR A 150 17.54 1.26 -4.71
CA TYR A 150 16.39 0.53 -4.17
C TYR A 150 15.77 -0.38 -5.16
N ILE A 151 16.32 -1.57 -5.23
CA ILE A 151 15.79 -2.64 -6.09
C ILE A 151 14.40 -3.01 -5.73
N GLN A 152 14.06 -2.93 -4.44
CA GLN A 152 12.83 -3.45 -3.93
C GLN A 152 11.92 -2.37 -3.42
N THR A 153 10.99 -1.99 -4.29
CA THR A 153 9.89 -1.10 -3.98
C THR A 153 8.50 -1.61 -4.30
N TYR A 154 8.41 -2.79 -5.00
CA TYR A 154 7.08 -3.31 -5.34
C TYR A 154 7.09 -4.81 -5.54
N GLY A 155 8.09 -5.48 -4.97
CA GLY A 155 8.09 -6.93 -4.85
C GLY A 155 7.60 -7.39 -3.52
N MET A 156 7.42 -8.71 -3.40
CA MET A 156 6.85 -9.34 -2.25
C MET A 156 7.92 -10.23 -1.57
N HIS A 157 8.22 -9.91 -0.33
CA HIS A 157 9.05 -10.77 0.52
C HIS A 157 8.18 -11.93 1.01
N ILE A 158 8.84 -13.14 0.91
CA ILE A 158 8.23 -14.38 1.38
C ILE A 158 9.10 -15.00 2.49
N VAL A 159 8.51 -15.10 3.66
CA VAL A 159 9.19 -15.79 4.82
C VAL A 159 8.08 -16.57 5.46
N GLN A 160 8.55 -17.66 6.17
CA GLN A 160 7.67 -18.61 6.80
C GLN A 160 8.13 -18.81 8.29
N SER A 161 7.12 -18.95 9.12
CA SER A 161 7.47 -19.27 10.53
C SER A 161 8.26 -20.53 10.66
N PRO A 162 9.10 -20.66 11.68
CA PRO A 162 9.89 -21.91 11.85
C PRO A 162 9.04 -23.16 11.84
N ASP A 163 7.86 -23.15 12.39
CA ASP A 163 6.99 -24.34 12.46
C ASP A 163 6.28 -24.59 11.18
N GLY A 164 6.41 -23.74 10.13
CA GLY A 164 5.81 -23.97 8.85
C GLY A 164 4.37 -23.58 8.74
N THR A 165 3.72 -23.12 9.74
CA THR A 165 2.30 -22.95 9.72
C THR A 165 1.81 -21.60 9.17
N TRP A 166 2.72 -20.63 9.03
CA TRP A 166 2.36 -19.27 8.52
C TRP A 166 3.44 -18.91 7.55
N THR A 167 2.96 -18.61 6.29
CA THR A 167 3.84 -18.05 5.25
C THR A 167 3.31 -16.58 4.94
N ASN A 168 4.18 -15.64 5.25
CA ASN A 168 3.79 -14.22 5.06
C ASN A 168 4.33 -13.73 3.77
N TRP A 169 3.47 -12.90 3.09
CA TRP A 169 3.82 -12.11 1.88
C TRP A 169 3.60 -10.60 2.27
N SER A 170 4.67 -9.86 2.03
CA SER A 170 4.58 -8.40 2.38
C SER A 170 5.57 -7.64 1.56
N ILE A 171 5.25 -6.32 1.38
CA ILE A 171 6.20 -5.36 0.82
C ILE A 171 6.96 -4.70 1.97
N ALA A 172 8.27 -4.69 1.86
CA ALA A 172 9.20 -3.87 2.74
C ALA A 172 10.33 -3.46 1.86
N ARG A 173 10.82 -2.20 1.97
CA ARG A 173 11.84 -1.73 1.06
C ARG A 173 13.15 -2.47 1.24
N ALA A 174 13.95 -2.51 0.20
CA ALA A 174 15.30 -3.02 0.28
C ALA A 174 16.16 -2.45 -0.83
N MET A 175 17.46 -2.26 -0.53
CA MET A 175 18.45 -1.70 -1.41
C MET A 175 19.64 -2.63 -1.56
N VAL A 176 20.35 -2.44 -2.67
CA VAL A 176 21.57 -3.25 -2.90
C VAL A 176 22.69 -2.83 -1.93
N HIS A 177 23.26 -3.83 -1.25
CA HIS A 177 24.40 -3.66 -0.37
C HIS A 177 25.74 -3.94 -1.08
N ASP A 178 25.76 -5.10 -1.78
CA ASP A 178 26.91 -5.51 -2.55
C ASP A 178 26.49 -6.53 -3.57
N LYS A 179 27.46 -7.22 -4.18
CA LYS A 179 27.12 -8.12 -5.28
C LYS A 179 26.06 -9.16 -4.99
N ASN A 180 25.98 -9.57 -3.72
CA ASN A 180 25.08 -10.66 -3.36
C ASN A 180 24.31 -10.37 -2.09
N HIS A 181 24.13 -9.12 -1.66
CA HIS A 181 23.34 -8.81 -0.49
C HIS A 181 22.52 -7.55 -0.74
N LEU A 182 21.40 -7.55 -0.02
CA LEU A 182 20.55 -6.36 0.14
C LEU A 182 20.52 -5.95 1.62
N THR A 183 20.17 -4.71 1.88
CA THR A 183 19.76 -4.29 3.20
C THR A 183 18.38 -3.74 3.11
N GLY A 184 17.58 -3.82 4.17
CA GLY A 184 16.25 -3.29 4.17
C GLY A 184 15.66 -3.07 5.54
N LEU A 185 14.45 -2.49 5.55
N LEU A 185 14.45 -2.57 5.53
CA LEU A 185 13.69 -2.25 6.79
CA LEU A 185 13.78 -2.15 6.71
C LEU A 185 12.94 -3.42 7.21
C LEU A 185 12.92 -3.34 7.20
N VAL A 186 13.23 -3.88 8.41
CA VAL A 186 12.51 -4.97 9.06
C VAL A 186 12.24 -4.48 10.50
N ILE A 187 11.03 -3.96 10.74
CA ILE A 187 10.70 -3.21 11.95
C ILE A 187 9.42 -3.72 12.56
N PRO A 188 9.31 -3.61 13.92
CA PRO A 188 8.07 -3.98 14.53
C PRO A 188 6.95 -3.00 14.18
N PRO A 189 5.72 -3.38 14.12
CA PRO A 189 5.16 -4.71 14.44
C PRO A 189 4.96 -5.57 13.16
N GLN A 190 5.70 -5.26 12.09
CA GLN A 190 5.41 -5.86 10.77
C GLN A 190 5.62 -7.38 10.79
N HIS A 191 4.90 -8.10 9.94
CA HIS A 191 4.99 -9.56 9.98
C HIS A 191 6.34 -10.05 9.58
N ILE A 192 7.07 -9.45 8.68
CA ILE A 192 8.39 -9.89 8.37
C ILE A 192 9.28 -9.82 9.62
N TRP A 193 9.11 -8.77 10.42
CA TRP A 193 9.78 -8.65 11.71
C TRP A 193 9.32 -9.70 12.68
N GLN A 194 8.04 -9.91 12.81
CA GLN A 194 7.55 -10.93 13.76
C GLN A 194 8.13 -12.28 13.43
N ILE A 195 8.15 -12.65 12.20
CA ILE A 195 8.76 -13.98 11.78
C ILE A 195 10.21 -13.93 11.95
N HIS A 196 10.95 -12.89 11.63
N HIS A 196 10.96 -12.88 11.63
CA HIS A 196 12.35 -12.83 11.88
CA HIS A 196 12.37 -12.77 11.90
C HIS A 196 12.62 -13.11 13.37
C HIS A 196 12.66 -13.08 13.37
N GLN A 197 11.86 -12.50 14.26
CA GLN A 197 12.07 -12.70 15.72
C GLN A 197 11.91 -14.16 16.10
N MET A 198 10.97 -14.87 15.45
CA MET A 198 10.82 -16.29 15.78
C MET A 198 12.07 -17.04 15.43
N TRP A 199 12.66 -16.79 14.27
CA TRP A 199 13.92 -17.44 13.88
C TRP A 199 15.09 -17.02 14.77
N LYS A 200 15.14 -15.77 15.17
N LYS A 200 15.15 -15.76 15.17
CA LYS A 200 16.21 -15.37 16.04
CA LYS A 200 16.21 -15.33 16.08
C LYS A 200 16.15 -16.08 17.40
C LYS A 200 16.15 -16.08 17.41
N LYS A 201 14.96 -16.23 17.94
CA LYS A 201 14.83 -16.94 19.24
C LYS A 201 15.17 -18.37 19.12
N GLU A 202 14.87 -19.02 18.02
CA GLU A 202 15.33 -20.36 17.75
C GLU A 202 16.83 -20.43 17.63
N GLY A 203 17.46 -19.46 17.02
CA GLY A 203 18.89 -19.24 17.03
C GLY A 203 19.74 -20.12 16.28
N ARG A 204 19.18 -20.98 15.47
CA ARG A 204 19.87 -22.04 14.73
C ARG A 204 20.28 -21.71 13.35
N SER A 205 19.47 -20.92 12.60
N SER A 205 19.50 -20.84 12.66
CA SER A 205 19.83 -20.53 11.22
CA SER A 205 19.50 -20.72 11.18
C SER A 205 19.22 -19.27 10.80
C SER A 205 19.10 -19.35 10.74
N ASP A 206 19.77 -18.81 9.73
CA ASP A 206 19.18 -17.65 9.01
C ASP A 206 17.80 -17.99 8.44
N VAL A 207 16.99 -16.99 8.17
CA VAL A 207 15.65 -17.20 7.75
C VAL A 207 15.65 -17.54 6.25
N PRO A 208 15.10 -18.69 5.81
CA PRO A 208 14.90 -18.91 4.39
C PRO A 208 14.00 -17.80 3.84
N TRP A 209 14.36 -17.31 2.65
CA TRP A 209 13.70 -16.09 2.11
C TRP A 209 13.63 -16.16 0.65
N ALA A 210 12.62 -15.53 0.08
CA ALA A 210 12.56 -15.22 -1.35
C ALA A 210 11.90 -13.83 -1.48
N LEU A 211 12.26 -13.20 -2.57
CA LEU A 211 11.68 -11.88 -2.93
C LEU A 211 11.25 -12.03 -4.41
N ALA A 212 9.97 -11.90 -4.60
CA ALA A 212 9.41 -12.09 -5.96
C ALA A 212 8.88 -10.74 -6.45
N PHE A 213 9.33 -10.33 -7.63
CA PHE A 213 8.93 -9.09 -8.28
C PHE A 213 8.00 -9.38 -9.43
N GLY A 214 7.05 -8.51 -9.65
CA GLY A 214 6.11 -8.77 -10.71
C GLY A 214 5.25 -9.97 -10.45
N VAL A 215 4.73 -10.03 -9.25
CA VAL A 215 3.81 -11.08 -8.84
C VAL A 215 2.42 -10.84 -9.29
N PRO A 216 1.49 -11.81 -9.16
CA PRO A 216 0.09 -11.54 -9.45
C PRO A 216 -0.37 -10.30 -8.77
N PRO A 217 -1.02 -9.39 -9.50
CA PRO A 217 -1.48 -8.16 -8.89
C PRO A 217 -2.33 -8.38 -7.68
N ALA A 218 -3.22 -9.34 -7.64
CA ALA A 218 -4.06 -9.49 -6.44
C ALA A 218 -3.16 -9.85 -5.22
N ALA A 219 -2.08 -10.54 -5.46
CA ALA A 219 -1.12 -10.88 -4.40
C ALA A 219 -0.35 -9.67 -3.90
N ILE A 220 0.06 -8.73 -4.78
CA ILE A 220 0.76 -7.57 -4.28
C ILE A 220 -0.16 -6.69 -3.51
N MET A 221 -1.44 -6.66 -3.79
N MET A 221 -1.45 -6.68 -3.78
CA MET A 221 -2.36 -5.93 -2.94
CA MET A 221 -2.42 -5.96 -2.94
C MET A 221 -2.46 -6.50 -1.55
C MET A 221 -2.50 -6.51 -1.55
N ALA A 222 -2.61 -7.82 -1.44
CA ALA A 222 -2.64 -8.44 -0.09
C ALA A 222 -1.32 -8.26 0.61
N SER A 223 -0.22 -8.24 -0.09
CA SER A 223 1.11 -8.03 0.45
C SER A 223 1.20 -6.69 1.14
N SER A 224 0.42 -5.69 0.68
N SER A 224 0.46 -5.68 0.67
CA SER A 224 0.41 -4.32 1.19
CA SER A 224 0.46 -4.31 1.23
C SER A 224 -0.63 -4.07 2.25
C SER A 224 -0.61 -4.08 2.27
N MET A 225 -1.42 -5.08 2.62
CA MET A 225 -2.54 -4.95 3.56
C MET A 225 -2.22 -5.60 4.89
N PRO A 226 -2.59 -5.03 5.98
CA PRO A 226 -2.31 -5.67 7.32
C PRO A 226 -3.40 -6.63 7.70
N ILE A 227 -3.48 -7.74 6.91
CA ILE A 227 -4.39 -8.83 7.30
C ILE A 227 -3.81 -9.45 8.62
N PRO A 228 -4.60 -10.26 9.32
CA PRO A 228 -4.23 -10.62 10.68
C PRO A 228 -2.95 -11.42 10.80
N ASP A 229 -2.37 -11.35 12.01
CA ASP A 229 -1.27 -12.17 12.42
C ASP A 229 -1.59 -13.66 12.16
N GLY A 230 -0.65 -14.38 11.64
CA GLY A 230 -0.78 -15.83 11.50
C GLY A 230 -1.55 -16.21 10.24
N VAL A 231 -2.05 -15.27 9.42
CA VAL A 231 -2.82 -15.59 8.25
C VAL A 231 -1.91 -15.57 7.01
N THR A 232 -1.84 -16.69 6.33
CA THR A 232 -1.07 -16.84 5.15
C THR A 232 -1.73 -16.08 3.99
N GLU A 233 -1.04 -15.03 3.47
CA GLU A 233 -1.63 -14.19 2.41
C GLU A 233 -2.06 -15.03 1.24
N ALA A 234 -1.29 -16.08 0.83
CA ALA A 234 -1.66 -16.81 -0.38
C ALA A 234 -3.07 -17.34 -0.29
N GLY A 235 -3.51 -17.90 0.82
CA GLY A 235 -4.83 -18.43 0.96
C GLY A 235 -5.94 -17.39 1.01
N TYR A 236 -5.59 -16.19 1.56
CA TYR A 236 -6.49 -15.04 1.61
C TYR A 236 -6.75 -14.55 0.16
N VAL A 237 -5.66 -14.44 -0.59
CA VAL A 237 -5.76 -14.05 -2.03
C VAL A 237 -6.55 -15.11 -2.78
N GLY A 238 -6.32 -16.38 -2.54
CA GLY A 238 -7.12 -17.41 -3.18
C GLY A 238 -8.59 -17.24 -2.87
N ALA A 239 -8.99 -17.01 -1.62
CA ALA A 239 -10.38 -16.81 -1.29
C ALA A 239 -10.92 -15.57 -1.99
N MET A 240 -10.20 -14.46 -1.93
N MET A 240 -10.16 -14.48 -1.96
CA MET A 240 -10.63 -13.21 -2.54
CA MET A 240 -10.59 -13.22 -2.53
C MET A 240 -10.93 -13.35 -4.03
C MET A 240 -10.86 -13.31 -4.00
N THR A 241 -10.04 -14.03 -4.74
CA THR A 241 -10.15 -14.15 -6.19
C THR A 241 -11.02 -15.38 -6.58
N GLY A 242 -11.34 -16.24 -5.66
CA GLY A 242 -12.09 -17.40 -5.97
C GLY A 242 -11.30 -18.52 -6.60
N SER A 243 -9.97 -18.45 -6.63
CA SER A 243 -9.07 -19.41 -7.31
C SER A 243 -7.86 -19.69 -6.49
N SER A 244 -7.35 -20.88 -6.52
CA SER A 244 -6.11 -21.22 -5.88
C SER A 244 -4.94 -20.66 -6.68
N LEU A 245 -4.05 -19.95 -6.02
CA LEU A 245 -2.88 -19.45 -6.73
C LEU A 245 -1.87 -20.57 -7.05
N GLU A 246 -1.31 -20.49 -8.21
CA GLU A 246 -0.31 -21.47 -8.70
C GLU A 246 1.09 -21.02 -8.29
N LEU A 247 1.76 -21.80 -7.50
CA LEU A 247 3.09 -21.51 -7.01
C LEU A 247 4.10 -22.56 -7.42
N VAL A 248 5.35 -22.26 -7.59
N VAL A 248 5.35 -22.27 -7.51
CA VAL A 248 6.49 -23.16 -7.88
CA VAL A 248 6.44 -23.18 -7.85
C VAL A 248 7.51 -23.07 -6.80
C VAL A 248 7.49 -23.07 -6.81
N LYS A 249 8.14 -24.19 -6.49
CA LYS A 249 9.18 -24.19 -5.47
C LYS A 249 10.41 -23.42 -5.94
N CYS A 250 11.03 -22.69 -5.00
CA CYS A 250 12.35 -22.13 -5.21
C CYS A 250 13.31 -23.30 -5.56
N ASP A 251 14.42 -22.94 -6.19
CA ASP A 251 15.45 -23.94 -6.47
C ASP A 251 16.36 -24.25 -5.28
N THR A 252 16.68 -23.24 -4.49
CA THR A 252 17.64 -23.38 -3.40
C THR A 252 17.04 -23.43 -2.07
N ASN A 253 15.72 -23.33 -1.92
CA ASN A 253 15.08 -23.50 -0.64
C ASN A 253 13.68 -24.03 -0.89
N ASP A 254 12.92 -24.33 0.19
CA ASP A 254 11.60 -24.85 0.03
C ASP A 254 10.44 -23.92 0.12
N LEU A 255 10.69 -22.65 -0.10
CA LEU A 255 9.63 -21.69 -0.24
C LEU A 255 9.03 -21.76 -1.65
N TYR A 256 7.82 -21.26 -1.78
CA TYR A 256 7.07 -21.31 -3.02
C TYR A 256 6.75 -19.90 -3.48
N VAL A 257 6.95 -19.66 -4.76
CA VAL A 257 6.77 -18.32 -5.35
C VAL A 257 5.74 -18.41 -6.39
N PRO A 258 5.03 -17.29 -6.76
CA PRO A 258 4.09 -17.35 -7.85
C PRO A 258 4.72 -17.76 -9.14
N ALA A 259 4.03 -18.71 -9.85
CA ALA A 259 4.58 -19.30 -11.09
C ALA A 259 4.92 -18.30 -12.14
N THR A 260 4.20 -17.15 -12.25
CA THR A 260 4.44 -16.16 -13.24
C THR A 260 5.24 -14.94 -12.76
N SER A 261 5.86 -15.07 -11.59
CA SER A 261 6.70 -13.96 -11.10
C SER A 261 7.68 -13.59 -12.21
N GLU A 262 7.89 -12.26 -12.36
CA GLU A 262 8.85 -11.75 -13.32
C GLU A 262 10.29 -12.06 -12.99
N ILE A 263 10.66 -11.84 -11.69
CA ILE A 263 11.98 -11.98 -11.22
C ILE A 263 11.91 -12.52 -9.77
N VAL A 264 12.70 -13.52 -9.44
CA VAL A 264 12.77 -14.08 -8.08
C VAL A 264 14.17 -14.07 -7.59
N LEU A 265 14.36 -13.51 -6.39
CA LEU A 265 15.62 -13.67 -5.64
C LEU A 265 15.40 -14.71 -4.58
N GLU A 266 16.32 -15.65 -4.44
CA GLU A 266 16.29 -16.68 -3.38
C GLU A 266 17.46 -16.52 -2.48
N GLY A 267 17.27 -16.65 -1.14
CA GLY A 267 18.42 -16.62 -0.25
C GLY A 267 18.01 -16.63 1.20
N THR A 268 18.64 -15.81 2.01
CA THR A 268 18.41 -15.85 3.44
C THR A 268 18.35 -14.41 4.00
N LEU A 269 17.51 -14.26 5.01
CA LEU A 269 17.49 -13.04 5.82
C LEU A 269 18.28 -13.36 7.10
N SER A 270 19.36 -12.64 7.36
CA SER A 270 20.24 -12.98 8.50
C SER A 270 19.53 -12.73 9.82
N ILE A 271 19.78 -13.70 10.76
CA ILE A 271 19.41 -13.48 12.13
C ILE A 271 20.47 -12.78 12.95
N SER A 272 21.62 -12.50 12.38
CA SER A 272 22.73 -11.90 13.07
C SER A 272 23.32 -10.61 12.47
N GLU A 273 23.33 -10.49 11.16
CA GLU A 273 24.05 -9.44 10.50
C GLU A 273 23.14 -8.28 10.13
N THR A 274 23.76 -7.12 10.03
CA THR A 274 23.09 -5.93 9.64
C THR A 274 24.00 -5.19 8.64
N GLY A 275 23.48 -4.16 7.99
CA GLY A 275 24.34 -3.30 7.17
C GLY A 275 23.66 -1.94 6.97
N PRO A 276 24.40 -0.97 6.43
CA PRO A 276 23.80 0.37 6.27
C PRO A 276 22.55 0.31 5.37
N GLU A 277 21.52 1.03 5.76
CA GLU A 277 20.30 1.09 5.02
C GLU A 277 19.79 2.51 5.07
N GLY A 278 19.25 2.97 3.94
CA GLY A 278 18.71 4.32 3.89
C GLY A 278 19.83 5.34 3.79
N PRO A 279 19.42 6.62 3.73
CA PRO A 279 18.04 7.09 3.78
C PRO A 279 17.31 6.79 2.42
N PHE A 280 16.00 6.95 2.49
CA PHE A 280 15.14 6.76 1.33
C PHE A 280 14.05 7.80 1.27
N GLY A 281 13.72 8.31 0.13
CA GLY A 281 12.59 9.23 0.00
C GLY A 281 11.29 8.48 0.14
N GLU A 282 10.61 8.80 1.23
CA GLU A 282 9.58 8.01 1.87
C GLU A 282 8.15 8.58 1.62
N MET A 283 7.14 7.73 2.04
CA MET A 283 5.72 7.90 1.79
C MET A 283 5.19 9.27 2.24
N HIS A 284 5.84 9.85 3.33
CA HIS A 284 5.34 11.12 3.84
C HIS A 284 5.85 12.30 3.04
N GLY A 285 6.76 12.09 2.10
CA GLY A 285 7.21 13.17 1.24
C GLY A 285 8.57 13.72 1.48
N TYR A 286 9.40 13.02 2.28
CA TYR A 286 10.70 13.54 2.69
C TYR A 286 11.84 12.59 2.54
N ILE A 287 13.04 13.08 2.37
CA ILE A 287 14.21 12.36 2.65
C ILE A 287 15.14 13.23 3.54
N PHE A 288 15.80 12.58 4.49
CA PHE A 288 16.77 13.24 5.41
C PHE A 288 18.16 12.79 4.96
N PRO A 289 18.85 13.57 4.10
N PRO A 289 18.86 13.57 4.12
CA PRO A 289 20.08 13.05 3.55
CA PRO A 289 20.13 13.04 3.56
C PRO A 289 21.04 12.73 4.61
C PRO A 289 21.12 12.54 4.57
N GLY A 290 21.75 11.64 4.38
N GLY A 290 21.13 13.11 5.77
CA GLY A 290 22.74 11.26 5.32
CA GLY A 290 22.13 12.65 6.75
C GLY A 290 22.22 10.39 6.48
C GLY A 290 21.82 11.32 7.44
N ASP A 291 20.94 10.40 6.83
CA ASP A 291 20.35 9.55 7.93
C ASP A 291 20.45 8.11 7.48
N THR A 292 21.59 7.49 7.45
CA THR A 292 21.78 5.96 7.32
C THR A 292 21.71 5.27 8.70
N HIS A 293 21.07 4.16 8.79
CA HIS A 293 21.04 3.42 10.06
C HIS A 293 21.27 1.99 9.74
N LEU A 294 21.50 1.11 10.57
CA LEU A 294 21.71 -0.34 10.33
C LEU A 294 20.33 -0.92 10.03
N GLY A 295 20.24 -1.67 8.97
CA GLY A 295 19.05 -2.46 8.67
C GLY A 295 19.37 -3.92 8.57
N ALA A 296 18.32 -4.70 8.36
CA ALA A 296 18.41 -6.13 8.11
C ALA A 296 19.21 -6.37 6.83
N LYS A 297 19.86 -7.52 6.79
CA LYS A 297 20.72 -7.92 5.71
C LYS A 297 20.28 -9.25 5.14
N TYR A 298 20.07 -9.24 3.81
CA TYR A 298 19.62 -10.38 3.01
C TYR A 298 20.78 -10.83 2.14
N LYS A 299 21.00 -12.15 2.07
CA LYS A 299 21.91 -12.72 1.14
C LYS A 299 21.20 -13.37 -0.01
N VAL A 300 21.60 -13.08 -1.25
CA VAL A 300 20.98 -13.63 -2.44
C VAL A 300 21.89 -14.72 -2.99
N ASN A 301 21.29 -15.92 -3.12
CA ASN A 301 22.00 -17.11 -3.64
C ASN A 301 21.65 -17.43 -5.10
N ARG A 302 20.50 -17.03 -5.58
CA ARG A 302 20.02 -17.38 -6.88
C ARG A 302 19.05 -16.32 -7.40
N ILE A 303 19.06 -16.10 -8.71
CA ILE A 303 18.05 -15.28 -9.36
C ILE A 303 17.37 -16.14 -10.44
N THR A 304 16.05 -16.17 -10.50
CA THR A 304 15.35 -16.75 -11.67
C THR A 304 14.47 -15.66 -12.27
N TYR A 305 14.16 -15.74 -13.54
CA TYR A 305 13.40 -14.67 -14.11
C TYR A 305 12.78 -15.10 -15.46
N ARG A 306 11.67 -14.45 -15.81
CA ARG A 306 11.05 -14.55 -17.08
C ARG A 306 11.89 -14.00 -18.18
N ASN A 307 11.72 -14.56 -19.40
CA ASN A 307 12.21 -13.82 -20.56
C ASN A 307 11.61 -12.38 -20.59
N ASN A 308 12.49 -11.50 -20.92
CA ASN A 308 12.08 -10.05 -21.00
C ASN A 308 11.41 -9.55 -19.76
N ALA A 309 11.99 -9.96 -18.63
CA ALA A 309 11.53 -9.64 -17.26
C ALA A 309 11.28 -8.09 -17.11
N ILE A 310 10.21 -7.87 -16.36
CA ILE A 310 9.80 -6.47 -16.01
C ILE A 310 9.83 -6.36 -14.47
N MET A 311 10.56 -5.35 -13.98
CA MET A 311 10.61 -4.99 -12.55
C MET A 311 9.62 -3.85 -12.29
N PRO A 312 8.58 -4.03 -11.48
CA PRO A 312 7.80 -2.87 -11.06
C PRO A 312 8.54 -1.99 -10.06
N MET A 313 8.31 -0.70 -10.12
CA MET A 313 8.94 0.32 -9.28
C MET A 313 7.95 1.33 -8.80
N SER A 314 8.01 1.65 -7.48
CA SER A 314 7.33 2.80 -6.92
C SER A 314 8.28 3.92 -6.70
N SER A 315 8.09 5.03 -7.39
CA SER A 315 8.86 6.26 -7.12
C SER A 315 8.11 7.10 -6.14
N CYS A 316 8.29 6.75 -4.88
CA CYS A 316 7.42 7.25 -3.82
C CYS A 316 7.83 8.57 -3.22
N GLY A 317 6.88 9.28 -2.63
CA GLY A 317 7.18 10.58 -2.02
C GLY A 317 5.88 11.36 -1.80
N ARG A 318 5.87 12.62 -2.31
CA ARG A 318 4.70 13.46 -2.26
C ARG A 318 3.59 12.86 -3.14
N LEU A 319 2.37 13.28 -2.95
CA LEU A 319 1.19 12.70 -3.57
C LEU A 319 1.30 12.64 -5.07
N THR A 320 0.81 11.57 -5.74
CA THR A 320 0.11 10.37 -5.20
C THR A 320 0.74 9.15 -5.78
N ASP A 321 1.11 8.20 -4.92
CA ASP A 321 1.70 6.97 -5.38
C ASP A 321 1.19 5.81 -4.55
N GLU A 322 1.78 4.63 -4.78
CA GLU A 322 1.38 3.38 -4.13
C GLU A 322 1.42 3.45 -2.65
N THR A 323 2.33 4.23 -2.09
CA THR A 323 2.39 4.36 -0.62
C THR A 323 1.18 5.03 -0.11
N HIS A 324 0.43 5.80 -0.86
CA HIS A 324 -0.78 6.46 -0.45
C HIS A 324 -1.96 5.63 -0.77
N THR A 325 -2.06 5.19 -2.07
CA THR A 325 -3.23 4.50 -2.57
C THR A 325 -3.39 3.16 -1.93
N MET A 326 -2.26 2.46 -1.66
CA MET A 326 -2.27 1.09 -1.12
C MET A 326 -2.01 1.07 0.40
N ILE A 327 -0.94 1.69 0.88
CA ILE A 327 -0.69 1.60 2.31
C ILE A 327 -1.86 2.19 3.07
N GLY A 328 -2.23 3.44 2.74
CA GLY A 328 -3.26 4.12 3.46
C GLY A 328 -4.62 3.49 3.36
N SER A 329 -5.05 3.19 2.09
CA SER A 329 -6.41 2.75 1.92
C SER A 329 -6.62 1.33 2.55
N LEU A 330 -5.56 0.49 2.35
CA LEU A 330 -5.68 -0.89 2.83
C LEU A 330 -5.61 -0.96 4.35
N ALA A 331 -4.86 -0.05 5.00
CA ALA A 331 -4.90 0.04 6.47
C ALA A 331 -6.25 0.50 6.90
N ALA A 332 -6.82 1.54 6.21
CA ALA A 332 -8.13 1.99 6.57
C ALA A 332 -9.18 0.86 6.48
N ALA A 333 -9.10 0.03 5.41
CA ALA A 333 -10.03 -1.04 5.26
C ALA A 333 -9.97 -2.00 6.51
N GLU A 334 -8.75 -2.38 6.85
CA GLU A 334 -8.56 -3.28 8.00
C GLU A 334 -9.04 -2.63 9.27
N ILE A 335 -8.84 -1.32 9.46
CA ILE A 335 -9.36 -0.61 10.61
C ILE A 335 -10.85 -0.64 10.66
N ARG A 336 -11.54 -0.44 9.49
CA ARG A 336 -12.98 -0.51 9.48
C ARG A 336 -13.49 -1.82 10.07
N LYS A 337 -12.91 -2.92 9.52
CA LYS A 337 -13.27 -4.26 9.98
C LYS A 337 -13.01 -4.45 11.48
N LEU A 338 -11.83 -4.04 11.89
CA LEU A 338 -11.44 -4.15 13.34
C LEU A 338 -12.44 -3.47 14.20
N CYS A 339 -12.84 -2.24 13.81
CA CYS A 339 -13.81 -1.52 14.59
C CYS A 339 -15.14 -2.31 14.69
N GLN A 340 -15.63 -2.78 13.56
CA GLN A 340 -16.88 -3.53 13.54
C GLN A 340 -16.85 -4.81 14.36
N GLN A 341 -15.68 -5.45 14.35
CA GLN A 341 -15.51 -6.67 15.15
C GLN A 341 -15.46 -6.38 16.60
N ASN A 342 -15.12 -5.17 17.05
CA ASN A 342 -15.14 -4.69 18.38
C ASN A 342 -16.46 -3.99 18.76
N ASP A 343 -17.52 -4.21 17.95
CA ASP A 343 -18.82 -3.71 18.20
C ASP A 343 -18.93 -2.21 18.19
N LEU A 344 -18.05 -1.56 17.43
CA LEU A 344 -18.13 -0.12 17.22
C LEU A 344 -18.94 0.19 15.95
N PRO A 345 -19.74 1.23 15.94
CA PRO A 345 -20.74 1.46 14.86
C PRO A 345 -20.10 2.23 13.70
N ILE A 346 -19.05 1.65 13.12
CA ILE A 346 -18.27 2.26 12.01
C ILE A 346 -18.73 1.63 10.72
N THR A 347 -19.11 2.43 9.72
CA THR A 347 -19.59 1.95 8.43
C THR A 347 -18.47 1.95 7.38
N ASP A 348 -17.57 2.92 7.44
CA ASP A 348 -16.62 3.22 6.39
C ASP A 348 -15.39 3.80 7.00
N ALA A 349 -14.23 3.63 6.38
CA ALA A 349 -12.98 4.21 6.74
C ALA A 349 -12.16 4.51 5.56
N PHE A 350 -11.42 5.62 5.58
CA PHE A 350 -10.51 5.94 4.53
C PHE A 350 -9.40 6.81 5.04
N ALA A 351 -8.20 6.76 4.54
CA ALA A 351 -7.04 7.62 4.92
C ALA A 351 -6.99 8.73 3.93
N PRO A 352 -7.42 9.95 4.30
CA PRO A 352 -7.40 11.06 3.26
C PRO A 352 -6.04 11.26 2.74
N PHE A 353 -5.94 11.46 1.42
CA PHE A 353 -4.67 11.75 0.83
C PHE A 353 -4.14 13.07 1.33
N GLU A 354 -5.01 14.04 1.60
CA GLU A 354 -4.60 15.37 2.08
C GLU A 354 -3.83 15.26 3.36
N SER A 355 -4.07 14.23 4.18
CA SER A 355 -3.37 14.01 5.44
C SER A 355 -2.07 13.30 5.24
N GLN A 356 -1.66 13.07 3.99
CA GLN A 356 -0.49 12.27 3.71
C GLN A 356 -0.69 10.84 4.28
N VAL A 357 -1.91 10.39 4.23
CA VAL A 357 -2.37 9.10 4.76
C VAL A 357 -1.94 8.85 6.20
N THR A 358 -1.83 9.90 7.01
CA THR A 358 -1.58 9.79 8.47
C THR A 358 -2.85 9.90 9.21
N TRP A 359 -3.98 10.27 8.69
CA TRP A 359 -5.28 10.23 9.30
C TRP A 359 -6.10 9.11 8.74
N VAL A 360 -7.03 8.59 9.52
CA VAL A 360 -8.15 7.83 9.00
C VAL A 360 -9.44 8.44 9.46
N ALA A 361 -10.37 8.72 8.57
CA ALA A 361 -11.69 9.15 8.86
C ALA A 361 -12.59 7.95 9.01
N LEU A 362 -13.33 7.88 10.08
CA LEU A 362 -14.26 6.81 10.44
C LEU A 362 -15.66 7.30 10.37
N ARG A 363 -16.48 6.83 9.46
CA ARG A 363 -17.91 7.19 9.37
C ARG A 363 -18.71 6.37 10.34
N VAL A 364 -19.46 7.05 11.18
CA VAL A 364 -20.26 6.45 12.23
C VAL A 364 -21.69 6.33 11.81
N ASP A 365 -22.29 5.15 12.11
CA ASP A 365 -23.74 4.96 12.05
C ASP A 365 -24.33 5.56 13.30
N THR A 366 -24.83 6.77 13.19
CA THR A 366 -25.23 7.52 14.31
C THR A 366 -26.54 7.04 14.95
N GLU A 367 -27.37 6.34 14.23
CA GLU A 367 -28.49 5.64 14.89
C GLU A 367 -28.02 4.64 15.93
N LYS A 368 -27.01 3.83 15.52
CA LYS A 368 -26.41 2.92 16.46
C LYS A 368 -25.70 3.63 17.56
N LEU A 369 -25.02 4.71 17.23
CA LEU A 369 -24.38 5.47 18.30
C LEU A 369 -25.37 5.96 19.34
N ARG A 370 -26.50 6.49 18.88
CA ARG A 370 -27.48 6.99 19.80
C ARG A 370 -27.94 5.95 20.76
N ALA A 371 -28.08 4.72 20.27
CA ALA A 371 -28.58 3.64 21.13
C ALA A 371 -27.59 3.27 22.20
N MET A 372 -26.32 3.55 22.00
CA MET A 372 -25.29 3.31 22.96
C MET A 372 -25.35 4.21 24.18
N LYS A 373 -26.00 5.36 24.05
CA LYS A 373 -26.19 6.26 25.15
C LYS A 373 -24.85 6.60 25.88
N THR A 374 -23.91 7.08 25.05
CA THR A 374 -22.57 7.34 25.47
C THR A 374 -22.25 8.84 25.24
N THR A 375 -21.00 9.16 25.44
CA THR A 375 -20.48 10.54 25.30
C THR A 375 -19.26 10.54 24.44
N SER A 376 -18.87 11.74 24.00
CA SER A 376 -17.66 11.89 23.20
C SER A 376 -16.42 11.34 23.88
N GLU A 377 -16.19 11.74 25.14
N GLU A 377 -16.17 11.72 25.12
CA GLU A 377 -15.00 11.32 25.88
CA GLU A 377 -14.91 11.32 25.68
C GLU A 377 -14.92 9.80 25.93
C GLU A 377 -14.90 9.80 25.90
N GLY A 378 -16.02 9.19 26.28
CA GLY A 378 -16.02 7.70 26.39
C GLY A 378 -15.83 7.03 25.05
N PHE A 379 -16.52 7.53 24.00
CA PHE A 379 -16.47 6.88 22.74
C PHE A 379 -15.10 7.05 22.07
N ARG A 380 -14.54 8.27 22.16
CA ARG A 380 -13.17 8.45 21.62
C ARG A 380 -12.16 7.55 22.26
N LYS A 381 -12.23 7.39 23.54
N LYS A 381 -12.25 7.40 23.56
CA LYS A 381 -11.30 6.53 24.20
CA LYS A 381 -11.30 6.51 24.23
C LYS A 381 -11.49 5.11 23.72
C LYS A 381 -11.47 5.04 23.74
N ARG A 382 -12.69 4.63 23.60
CA ARG A 382 -12.94 3.27 23.14
C ARG A 382 -12.36 3.03 21.78
N VAL A 383 -12.62 3.96 20.84
CA VAL A 383 -12.17 3.80 19.46
C VAL A 383 -10.67 3.85 19.44
N GLY A 384 -10.02 4.78 20.12
CA GLY A 384 -8.64 4.88 20.10
C GLY A 384 -7.93 3.70 20.70
N ASP A 385 -8.45 3.17 21.78
CA ASP A 385 -7.86 1.97 22.41
C ASP A 385 -7.93 0.81 21.38
N VAL A 386 -9.07 0.59 20.74
CA VAL A 386 -9.14 -0.53 19.79
C VAL A 386 -8.13 -0.32 18.71
N VAL A 387 -8.07 0.82 18.04
CA VAL A 387 -7.28 0.97 16.86
C VAL A 387 -5.83 1.17 17.14
N PHE A 388 -5.47 2.03 18.11
CA PHE A 388 -4.09 2.35 18.31
C PHE A 388 -3.31 1.30 19.06
N ASN A 389 -3.99 0.32 19.63
CA ASN A 389 -3.35 -0.84 20.29
C ASN A 389 -3.22 -2.01 19.32
N HIS A 390 -3.59 -1.87 18.05
CA HIS A 390 -3.56 -2.92 17.11
C HIS A 390 -2.60 -2.59 15.99
N LYS A 391 -2.00 -3.58 15.36
CA LYS A 391 -1.14 -3.39 14.24
C LYS A 391 -1.81 -2.67 13.05
N ALA A 392 -3.07 -2.86 12.83
CA ALA A 392 -3.73 -2.18 11.69
C ALA A 392 -3.66 -0.67 11.90
N GLY A 393 -3.60 -0.18 13.13
CA GLY A 393 -3.44 1.24 13.40
C GLY A 393 -2.11 1.78 13.39
N TYR A 394 -1.07 1.01 13.16
CA TYR A 394 0.30 1.40 13.32
C TYR A 394 0.65 2.70 12.60
N THR A 395 0.34 2.78 11.30
CA THR A 395 0.72 3.93 10.48
C THR A 395 -0.11 5.19 10.71
N ILE A 396 -1.20 5.07 11.44
CA ILE A 396 -2.19 6.13 11.54
C ILE A 396 -2.06 6.86 12.82
N HIS A 397 -1.90 8.17 12.79
CA HIS A 397 -1.73 9.02 13.98
C HIS A 397 -2.91 9.79 14.35
N ARG A 398 -3.89 10.04 13.50
CA ARG A 398 -5.09 10.78 13.88
C ARG A 398 -6.27 10.00 13.38
N LEU A 399 -7.28 9.71 14.16
CA LEU A 399 -8.56 9.23 13.77
C LEU A 399 -9.54 10.31 13.86
N VAL A 400 -10.34 10.53 12.81
CA VAL A 400 -11.39 11.55 12.79
C VAL A 400 -12.73 10.89 12.76
N LEU A 401 -13.56 11.01 13.75
CA LEU A 401 -14.89 10.45 13.80
C LEU A 401 -15.85 11.39 13.13
N VAL A 402 -16.65 10.93 12.19
CA VAL A 402 -17.61 11.76 11.48
C VAL A 402 -18.95 11.09 11.41
N GLY A 403 -20.02 11.83 11.34
CA GLY A 403 -21.34 11.26 11.19
C GLY A 403 -21.72 10.89 9.76
N ASP A 404 -22.94 10.41 9.64
CA ASP A 404 -23.42 9.81 8.43
C ASP A 404 -23.53 10.65 7.25
N ASP A 405 -23.49 11.97 7.38
CA ASP A 405 -23.58 12.83 6.24
C ASP A 405 -22.28 12.97 5.51
N ILE A 406 -21.16 12.58 6.07
CA ILE A 406 -19.85 12.73 5.50
C ILE A 406 -19.44 11.51 4.69
N ASP A 407 -18.99 11.74 3.45
CA ASP A 407 -18.40 10.70 2.62
C ASP A 407 -16.91 10.69 2.90
N VAL A 408 -16.42 9.70 3.65
CA VAL A 408 -15.04 9.66 4.09
C VAL A 408 -14.05 9.48 2.93
N TYR A 409 -14.56 9.04 1.74
CA TYR A 409 -13.71 8.90 0.61
C TYR A 409 -13.46 10.20 -0.14
N GLU A 410 -14.08 11.32 0.33
CA GLU A 410 -13.94 12.62 -0.23
C GLU A 410 -13.22 13.52 0.74
N GLY A 411 -11.95 13.76 0.49
CA GLY A 411 -11.12 14.55 1.44
C GLY A 411 -11.67 15.93 1.74
N LYS A 412 -12.28 16.63 0.76
N LYS A 412 -12.30 16.60 0.77
CA LYS A 412 -12.85 17.93 1.04
CA LYS A 412 -12.73 17.90 1.09
C LYS A 412 -13.87 17.84 2.12
C LYS A 412 -13.84 17.83 2.14
N ASP A 413 -14.69 16.82 2.15
CA ASP A 413 -15.74 16.70 3.13
C ASP A 413 -15.20 16.30 4.49
N VAL A 414 -14.17 15.46 4.54
CA VAL A 414 -13.50 15.17 5.79
C VAL A 414 -12.86 16.42 6.41
N LEU A 415 -12.19 17.21 5.57
N LEU A 415 -12.17 17.20 5.56
CA LEU A 415 -11.56 18.43 6.08
CA LEU A 415 -11.53 18.42 6.10
C LEU A 415 -12.60 19.42 6.56
C LEU A 415 -12.59 19.42 6.56
N TRP A 416 -13.72 19.54 5.85
CA TRP A 416 -14.81 20.38 6.32
C TRP A 416 -15.31 19.96 7.67
N ALA A 417 -15.61 18.68 7.83
CA ALA A 417 -16.12 18.19 9.09
C ALA A 417 -15.09 18.35 10.22
N PHE A 418 -13.84 18.02 10.00
CA PHE A 418 -12.79 18.15 11.00
C PHE A 418 -12.69 19.58 11.50
N SER A 419 -12.65 20.53 10.53
N SER A 419 -12.65 20.52 10.53
CA SER A 419 -12.42 21.92 10.82
CA SER A 419 -12.36 21.92 10.83
C SER A 419 -13.57 22.59 11.47
C SER A 419 -13.55 22.58 11.45
N THR A 420 -14.75 22.11 11.36
CA THR A 420 -15.97 22.80 11.83
C THR A 420 -16.69 22.10 12.93
N ARG A 421 -16.40 20.77 13.19
CA ARG A 421 -17.13 19.99 14.20
C ARG A 421 -16.27 19.49 15.34
N CYS A 422 -15.01 19.58 15.26
CA CYS A 422 -14.08 19.06 16.33
C CYS A 422 -13.37 20.28 16.97
N ARG A 423 -13.79 20.57 18.23
CA ARG A 423 -13.17 21.69 18.99
C ARG A 423 -11.79 21.26 19.40
N PRO A 424 -10.74 21.94 19.02
CA PRO A 424 -9.36 21.56 19.44
C PRO A 424 -9.26 21.37 20.91
N GLY A 425 -8.59 20.30 21.33
CA GLY A 425 -8.39 19.99 22.77
C GLY A 425 -9.60 19.32 23.32
N MET A 426 -10.70 20.00 23.58
CA MET A 426 -11.85 19.47 24.27
C MET A 426 -12.45 18.24 23.58
N ASP A 427 -12.50 18.24 22.24
CA ASP A 427 -13.11 17.17 21.51
C ASP A 427 -12.10 16.12 21.02
N GLU A 428 -10.94 16.10 21.62
CA GLU A 428 -9.88 15.20 21.24
C GLU A 428 -9.36 14.42 22.43
N THR A 429 -8.81 13.24 22.18
CA THR A 429 -8.10 12.48 23.20
C THR A 429 -6.77 12.10 22.67
N LEU A 430 -5.67 12.48 23.35
CA LEU A 430 -4.34 12.16 22.99
C LEU A 430 -3.92 10.80 23.58
N PHE A 431 -3.13 10.06 22.85
CA PHE A 431 -2.63 8.74 23.21
C PHE A 431 -1.11 8.80 23.15
N GLU A 432 -0.45 8.80 24.32
CA GLU A 432 0.98 8.82 24.38
C GLU A 432 1.62 7.50 24.67
N ASP A 433 0.80 6.55 25.08
CA ASP A 433 1.33 5.23 25.48
C ASP A 433 0.91 4.14 24.48
N VAL A 434 1.05 4.42 23.21
CA VAL A 434 0.81 3.52 22.13
C VAL A 434 2.04 3.52 21.22
N ARG A 435 2.19 2.51 20.36
CA ARG A 435 3.25 2.48 19.42
C ARG A 435 3.06 3.65 18.37
N GLY A 436 4.14 4.34 18.12
CA GLY A 436 4.11 5.40 17.09
C GLY A 436 4.83 4.94 15.85
N PHE A 437 4.55 5.64 14.74
CA PHE A 437 5.13 5.31 13.42
C PHE A 437 6.35 6.19 13.21
N PRO A 438 7.57 5.68 13.33
CA PRO A 438 8.73 6.57 13.33
C PRO A 438 9.01 7.23 12.02
N LEU A 439 8.49 6.72 10.92
N LEU A 439 8.45 6.72 10.93
CA LEU A 439 8.77 7.27 9.59
CA LEU A 439 8.66 7.22 9.56
C LEU A 439 8.12 8.65 9.40
C LEU A 439 8.12 8.65 9.40
N ILE A 440 7.06 8.96 10.16
CA ILE A 440 6.50 10.32 10.06
C ILE A 440 7.53 11.30 10.55
N PRO A 441 7.81 12.38 9.84
CA PRO A 441 8.90 13.25 10.26
C PRO A 441 8.77 13.77 11.70
N TYR A 442 7.54 14.13 12.07
CA TYR A 442 7.34 14.64 13.47
C TYR A 442 7.59 13.59 14.50
N MET A 443 7.72 12.32 14.14
CA MET A 443 8.06 11.23 15.06
C MET A 443 9.55 11.04 15.04
N GLY A 444 10.11 10.41 14.01
CA GLY A 444 11.53 10.03 14.03
C GLY A 444 12.52 11.16 13.93
N HIS A 445 12.07 12.32 13.42
CA HIS A 445 12.86 13.49 13.37
C HIS A 445 12.28 14.67 14.15
N GLY A 446 11.44 14.35 15.09
CA GLY A 446 10.71 15.35 15.86
C GLY A 446 11.23 15.59 17.27
N ASN A 447 10.35 16.14 18.07
CA ASN A 447 10.66 16.61 19.42
C ASN A 447 10.46 15.61 20.51
N GLY A 448 9.85 14.45 20.22
CA GLY A 448 9.54 13.44 21.22
C GLY A 448 10.04 12.07 20.81
N PRO A 449 9.66 11.06 21.63
CA PRO A 449 10.09 9.69 21.36
C PRO A 449 9.70 9.24 19.92
N ALA A 450 10.61 8.65 19.19
CA ALA A 450 10.34 8.25 17.84
C ALA A 450 9.29 7.18 17.71
N HIS A 451 9.23 6.30 18.73
CA HIS A 451 8.46 5.09 18.62
C HIS A 451 7.25 5.00 19.50
N ARG A 452 6.91 6.07 20.22
CA ARG A 452 5.84 6.03 21.17
C ARG A 452 5.06 7.35 21.10
N GLY A 453 3.75 7.17 21.15
CA GLY A 453 2.82 8.31 21.30
C GLY A 453 2.62 9.10 20.04
N GLY A 454 2.14 10.34 20.25
CA GLY A 454 1.86 11.23 19.13
C GLY A 454 0.60 10.94 18.40
N LYS A 455 -0.33 10.21 19.01
CA LYS A 455 -1.63 9.82 18.37
C LYS A 455 -2.78 10.52 18.98
N VAL A 456 -3.88 10.67 18.27
CA VAL A 456 -5.01 11.42 18.72
C VAL A 456 -6.29 10.88 18.12
N VAL A 457 -7.39 10.87 18.80
CA VAL A 457 -8.72 10.72 18.31
C VAL A 457 -9.41 12.04 18.32
N SER A 458 -9.83 12.55 17.16
CA SER A 458 -10.53 13.82 16.98
C SER A 458 -11.96 13.55 16.74
N ASP A 459 -12.89 13.94 17.61
CA ASP A 459 -14.27 13.68 17.47
C ASP A 459 -14.97 14.84 16.69
N ALA A 460 -15.31 14.59 15.45
CA ALA A 460 -16.07 15.51 14.58
C ALA A 460 -17.51 15.16 14.53
N LEU A 461 -18.02 14.36 15.52
CA LEU A 461 -19.43 14.18 15.75
C LEU A 461 -19.95 15.41 16.54
N MET A 462 -21.08 15.92 16.17
CA MET A 462 -21.69 17.04 16.93
C MET A 462 -22.50 16.48 18.07
N PRO A 463 -22.76 17.32 19.11
CA PRO A 463 -23.36 16.77 20.34
C PRO A 463 -24.65 16.03 20.16
N THR A 464 -25.54 16.51 19.28
CA THR A 464 -26.84 15.86 19.22
C THR A 464 -26.74 14.57 18.46
N GLU A 465 -25.61 14.31 17.80
CA GLU A 465 -25.44 13.02 17.14
C GLU A 465 -25.36 11.85 18.15
N TYR A 466 -24.99 12.14 19.40
CA TYR A 466 -25.01 11.15 20.48
C TYR A 466 -26.36 11.01 21.15
N THR A 467 -27.30 11.92 20.92
CA THR A 467 -28.53 11.97 21.72
C THR A 467 -29.74 11.89 20.83
N THR A 468 -30.18 12.95 20.18
CA THR A 468 -31.50 13.06 19.52
C THR A 468 -31.40 13.08 17.94
N GLY A 469 -30.21 13.29 17.44
CA GLY A 469 -30.00 13.31 15.99
C GLY A 469 -29.47 14.63 15.49
N ARG A 470 -28.96 14.63 14.28
CA ARG A 470 -28.44 15.83 13.59
C ARG A 470 -29.49 16.92 13.65
N ASN A 471 -29.03 18.13 13.99
CA ASN A 471 -29.87 19.30 14.22
C ASN A 471 -29.48 20.50 13.32
N TRP A 472 -28.80 20.23 12.22
CA TRP A 472 -28.47 21.21 11.22
C TRP A 472 -28.82 20.74 9.84
N GLU A 473 -28.79 21.68 8.90
CA GLU A 473 -28.75 21.42 7.51
C GLU A 473 -27.52 22.08 6.95
N ALA A 474 -26.86 21.52 5.91
CA ALA A 474 -25.73 22.23 5.32
C ALA A 474 -26.28 23.46 4.57
N ALA A 475 -25.44 24.50 4.62
CA ALA A 475 -25.63 25.71 3.79
C ALA A 475 -24.94 25.48 2.44
N ASP A 476 -25.51 24.58 1.70
CA ASP A 476 -25.03 24.22 0.38
C ASP A 476 -26.17 24.08 -0.58
N PHE A 477 -25.86 23.95 -1.88
CA PHE A 477 -26.91 23.83 -2.86
C PHE A 477 -27.80 22.63 -2.58
N ASN A 478 -27.16 21.49 -2.21
CA ASN A 478 -27.93 20.28 -2.03
C ASN A 478 -28.96 20.36 -0.90
N GLN A 479 -28.60 20.98 0.22
CA GLN A 479 -29.42 20.89 1.40
C GLN A 479 -30.21 22.13 1.75
N SER A 480 -29.92 23.27 1.14
N SER A 480 -29.89 23.29 1.21
CA SER A 480 -30.49 24.53 1.49
CA SER A 480 -30.62 24.49 1.56
C SER A 480 -31.63 24.96 0.59
C SER A 480 -31.70 24.93 0.61
N TYR A 481 -32.00 24.08 -0.37
CA TYR A 481 -33.00 24.44 -1.38
C TYR A 481 -33.88 23.21 -1.64
N PRO A 482 -35.20 23.37 -1.86
CA PRO A 482 -36.02 22.23 -2.17
C PRO A 482 -35.70 21.59 -3.47
N GLU A 483 -36.09 20.27 -3.51
CA GLU A 483 -35.87 19.43 -4.71
C GLU A 483 -36.30 20.07 -6.02
N ASP A 484 -37.52 20.56 -6.03
N ASP A 484 -37.55 20.50 -6.01
CA ASP A 484 -38.04 21.11 -7.31
CA ASP A 484 -38.12 21.05 -7.24
C ASP A 484 -37.28 22.33 -7.83
C ASP A 484 -37.30 22.26 -7.80
N LEU A 485 -36.83 23.15 -6.88
CA LEU A 485 -36.04 24.31 -7.21
C LEU A 485 -34.68 23.92 -7.75
N LYS A 486 -34.02 22.97 -7.01
CA LYS A 486 -32.71 22.54 -7.45
C LYS A 486 -32.76 22.06 -8.97
N GLN A 487 -33.81 21.22 -9.19
CA GLN A 487 -33.91 20.64 -10.50
C GLN A 487 -34.19 21.70 -11.60
N LYS A 488 -34.97 22.70 -11.27
CA LYS A 488 -35.20 23.82 -12.14
C LYS A 488 -33.95 24.55 -12.49
N VAL A 489 -33.16 24.85 -11.43
CA VAL A 489 -31.90 25.51 -11.67
C VAL A 489 -30.99 24.69 -12.58
N LEU A 490 -30.86 23.40 -12.26
CA LEU A 490 -30.04 22.55 -13.09
C LEU A 490 -30.53 22.50 -14.58
N ASP A 491 -31.86 22.40 -14.69
CA ASP A 491 -32.42 22.28 -16.06
C ASP A 491 -32.23 23.52 -16.88
N ASN A 492 -32.19 24.73 -16.23
CA ASN A 492 -32.03 25.97 -16.89
C ASN A 492 -30.63 26.53 -16.95
N TRP A 493 -29.66 25.79 -16.35
CA TRP A 493 -28.28 26.24 -16.15
C TRP A 493 -27.61 26.75 -17.41
N THR A 494 -27.54 25.88 -18.40
CA THR A 494 -26.82 26.27 -19.65
C THR A 494 -27.65 27.28 -20.48
N LYS A 495 -29.01 27.19 -20.42
CA LYS A 495 -29.93 28.17 -21.05
C LYS A 495 -29.65 29.53 -20.54
N MET A 496 -29.51 29.69 -19.18
CA MET A 496 -29.25 30.99 -18.59
C MET A 496 -27.95 31.56 -19.04
N GLY A 497 -26.91 30.80 -19.37
CA GLY A 497 -25.52 31.27 -19.72
C GLY A 497 -24.37 30.63 -18.95
N PHE A 498 -24.60 29.73 -17.93
CA PHE A 498 -23.58 29.14 -17.08
C PHE A 498 -22.91 27.90 -17.79
N SER A 499 -21.79 27.36 -17.21
CA SER A 499 -21.08 26.25 -17.81
C SER A 499 -21.70 25.07 -17.14
N HIS A 503 -18.27 16.87 -18.47
CA HIS A 503 -18.75 15.51 -18.80
C HIS A 503 -18.17 14.46 -17.86
N HIS A 504 -19.04 13.60 -17.34
CA HIS A 504 -18.64 12.57 -16.39
C HIS A 504 -17.41 11.77 -16.74
N HIS A 505 -17.32 11.27 -17.96
CA HIS A 505 -16.23 10.32 -18.21
C HIS A 505 -14.94 11.01 -18.58
N HIS A 506 -14.91 12.32 -18.71
CA HIS A 506 -13.66 12.88 -19.20
C9 4LU B . 3.98 -0.87 1.16
C8 4LU B . 3.97 -0.35 -0.22
C7 4LU B . 5.09 0.24 -0.79
C10 4LU B . 6.25 -1.08 3.92
C6 4LU B . 6.29 0.51 0.00
N3 4LU B . 8.59 -1.43 5.36
C2 4LU B . 7.45 -1.89 5.88
C13 4LU B . 8.55 -0.14 -0.70
C5 4LU B . 7.57 1.10 -0.43
C1 4LU B . 8.26 1.11 1.88
O2 4LU B . 7.48 -2.55 6.89
N1 4LU B . 6.24 -1.70 5.16
C4 4LU B . 8.65 -0.80 4.10
O4 4LU B . 9.83 -0.44 3.93
C4A 4LU B . 7.44 -0.57 3.55
N5 4LU B . 7.29 0.34 2.26
C3 4LU B . 8.21 1.83 0.65
C12 4LU B . 7.66 1.96 -1.71
C5A 4LU B . 6.17 0.03 1.41
C7M 4LU B . 5.08 0.58 -2.24
C8M 4LU B . 2.69 -0.53 -0.93
C9A 4LU B . 5.09 -0.55 1.90
N10 4LU B . 5.06 -1.02 3.32
C1' 4LU B . 3.82 -1.25 3.98
C2' 4LU B . 3.58 -2.79 4.32
O2' 4LU B . 3.54 -3.45 2.95
C3' 4LU B . 2.20 -2.91 4.84
O3' 4LU B . 2.31 -2.32 6.17
C4' 4LU B . 1.79 -4.36 5.04
O4' 4LU B . 0.64 -4.44 5.92
C5' 4LU B . 2.93 -5.28 5.54
O5' 4LU B . 2.45 -6.70 5.50
P 4LU B . 2.24 -7.54 6.84
O2P 4LU B . 2.13 -8.96 6.27
O3P 4LU B . 0.92 -7.03 7.39
O1P 4LU B . 3.44 -7.27 7.78
O1 FZZ C . 10.20 -0.70 4.22
C1 FZZ C . 9.07 -1.12 4.46
N1 FZZ C . 8.82 -1.77 5.63
C2 FZZ C . 7.60 -2.15 5.89
O2 FZZ C . 7.39 -2.92 6.93
N2 FZZ C . 6.47 -1.89 5.16
C3 FZZ C . 7.95 -0.70 3.70
N3 FZZ C . 8.32 0.40 2.83
C4 FZZ C . 7.64 0.61 1.82
C5 FZZ C . 8.06 1.79 0.83
C6 FZZ C . 7.61 1.09 -0.49
C7 FZZ C . 7.54 2.13 -1.69
C8 FZZ C . 8.59 -0.05 -0.87
C9 FZZ C . 6.31 0.44 -0.04
C10 FZZ C . 5.14 0.17 -0.80
C11 FZZ C . 5.03 0.48 -2.26
C12 FZZ C . 4.06 -0.43 -0.15
C13 FZZ C . 2.78 -0.72 -0.85
C14 FZZ C . 4.19 -0.85 1.23
C15 FZZ C . 6.35 0.06 1.30
C16 FZZ C . 5.34 -0.59 1.92
C17 FZZ C . 6.58 -1.08 4.05
N4 FZZ C . 5.37 -0.93 3.35
C18 FZZ C . 4.17 -1.30 4.02
C19 FZZ C . 3.72 -2.71 4.18
O3 FZZ C . 3.83 -3.43 2.96
C20 FZZ C . 2.41 -2.87 4.84
O4 FZZ C . 2.50 -2.30 6.17
C21 FZZ C . 1.94 -4.33 4.95
O5 FZZ C . 0.77 -4.41 5.78
C22 FZZ C . 3.00 -5.28 5.51
O6 FZZ C . 2.44 -6.70 5.49
P1 FZZ C . 2.23 -7.52 6.82
O7 FZZ C . 0.93 -7.11 7.38
O8 FZZ C . 2.15 -8.97 6.28
O9 FZZ C . 3.39 -7.27 7.74
MN MN D . 0.87 -10.62 6.93
K K E . 0.45 -8.39 4.07
K K F . -17.24 17.32 18.33
F1 4LW G . 6.55 3.89 3.83
CA 4LW G . 7.75 3.35 4.18
C 4LW G . 8.86 3.87 3.39
OXT 4LW G . 8.64 5.01 2.78
O 4LW G . 9.90 3.27 3.28
CB 4LW G . 7.88 2.39 5.16
CG 4LW G . 6.79 1.81 5.94
CD1 4LW G . 7.21 1.07 7.07
CE1 4LW G . 6.25 0.49 7.76
CZ 4LW G . 4.91 0.55 7.48
CE2 4LW G . 4.43 1.32 6.38
CD2 4LW G . 5.51 1.91 5.60
#